data_5A50
#
_entry.id   5A50
#
_cell.length_a   35.737
_cell.length_b   89.150
_cell.length_c   112.475
_cell.angle_alpha   90.00
_cell.angle_beta   90.00
_cell.angle_gamma   90.00
#
_symmetry.space_group_name_H-M   'P 21 21 21'
#
loop_
_entity.id
_entity.type
_entity.pdbx_description
1 polymer AT3G17980
2 polymer AT3G17980
3 non-polymer 'CALCIUM ION'
4 non-polymer PHOSPHOCHOLINE
5 non-polymer 'ZINC ION'
6 water water
#
loop_
_entity_poly.entity_id
_entity_poly.type
_entity_poly.pdbx_seq_one_letter_code
_entity_poly.pdbx_strand_id
1 'polypeptide(L)'
;MTTACPARTSSLMDDLLGLLRIRIKRGVNLAVRDISSSDPYVVVKMGKQKLKTRVINKDVNPEWNEDLTLSVTDSNLTVL
LTVYDHDMFSKDDKMGDAEFEISPYIEALRMQLDGLPSGTIVTTVKPSRRNCLAEESRVTWVDGKLVQDLVLRLRHVECG
EVEAQLQWIDLPGSKGL
;
A
2 'polypeptide(L)'
;MTTACPARTSSLMDDLLGLLRIRIKRGVNLAVRDISSSDPYVVVKMGSQKLKTRVINKDVNPEWNEDLTLSVTDSNLTVL
LTVYDHDMFSKDDKMGDAEFEIKPYIEALRMQLDGLPSGTIVTTVKPSRRNCLAEESRVTWVDGKLVQDLVLRLRHVECG
EVEAQLQWIDLPGSSGL
;
B
#
# COMPACT_ATOMS: atom_id res chain seq x y z
N MET A 13 -18.94 -1.35 -4.71
CA MET A 13 -19.80 -0.18 -4.52
C MET A 13 -20.68 -0.01 -5.75
N ASP A 14 -21.01 -1.15 -6.35
CA ASP A 14 -21.98 -1.26 -7.45
C ASP A 14 -21.56 -0.68 -8.81
N ASP A 15 -20.26 -0.77 -9.08
CA ASP A 15 -19.70 -0.66 -10.42
C ASP A 15 -18.23 -0.96 -10.22
N LEU A 16 -17.75 -0.64 -9.02
CA LEU A 16 -16.35 -0.83 -8.66
C LEU A 16 -15.85 -2.19 -9.09
N LEU A 17 -14.84 -2.20 -9.96
CA LEU A 17 -14.14 -3.42 -10.33
C LEU A 17 -13.09 -3.73 -9.27
N GLY A 18 -12.68 -2.67 -8.57
CA GLY A 18 -11.63 -2.76 -7.58
C GLY A 18 -10.91 -1.43 -7.42
N LEU A 19 -9.68 -1.50 -6.93
CA LEU A 19 -8.95 -0.30 -6.61
C LEU A 19 -7.60 -0.29 -7.28
N LEU A 20 -7.35 0.75 -8.06
CA LEU A 20 -6.06 0.92 -8.70
C LEU A 20 -5.10 1.61 -7.74
N ARG A 21 -4.01 0.94 -7.39
CA ARG A 21 -2.98 1.59 -6.60
C ARG A 21 -1.92 2.21 -7.49
N ILE A 22 -1.81 3.53 -7.45
CA ILE A 22 -0.74 4.22 -8.15
C ILE A 22 0.38 4.56 -7.18
N ARG A 23 1.44 3.77 -7.23
CA ARG A 23 2.61 4.05 -6.42
C ARG A 23 3.43 5.13 -7.12
N ILE A 24 3.37 6.36 -6.61
CA ILE A 24 4.20 7.44 -7.11
C ILE A 24 5.58 7.32 -6.47
N LYS A 25 6.55 6.92 -7.27
CA LYS A 25 7.86 6.56 -6.73
C LYS A 25 8.77 7.76 -6.58
N ARG A 26 9.07 8.41 -7.70
CA ARG A 26 9.98 9.54 -7.68
C ARG A 26 9.82 10.45 -8.89
N GLY A 27 10.24 11.70 -8.74
CA GLY A 27 10.43 12.58 -9.86
C GLY A 27 11.92 12.68 -10.13
N VAL A 28 12.29 12.73 -11.42
CA VAL A 28 13.69 12.88 -11.84
C VAL A 28 13.91 14.21 -12.63
N ASN A 29 14.88 15.00 -12.21
CA ASN A 29 15.23 16.25 -12.88
C ASN A 29 13.99 17.12 -13.10
N LEU A 30 13.22 17.37 -12.05
CA LEU A 30 12.04 18.20 -12.22
C LEU A 30 12.41 19.68 -12.40
N ALA A 31 11.49 20.44 -12.98
CA ALA A 31 11.75 21.85 -13.27
C ALA A 31 11.83 22.74 -12.02
N VAL A 32 12.68 23.77 -12.10
CA VAL A 32 12.87 24.74 -11.04
C VAL A 32 11.81 25.85 -11.07
N ARG A 33 11.11 26.04 -9.95
CA ARG A 33 10.05 27.04 -9.90
C ARG A 33 10.13 27.98 -8.67
N ASP A 34 11.22 27.89 -7.92
CA ASP A 34 11.62 28.92 -6.96
C ASP A 34 13.11 29.15 -7.05
N ILE A 35 13.56 30.09 -7.89
CA ILE A 35 14.97 30.49 -7.82
C ILE A 35 15.96 29.35 -8.05
N SER A 36 15.95 28.36 -7.16
CA SER A 36 17.01 27.36 -7.08
C SER A 36 16.47 25.91 -7.09
N SER A 37 15.29 25.70 -6.51
CA SER A 37 14.68 24.37 -6.45
C SER A 37 13.15 24.45 -6.62
N SER A 38 12.44 23.45 -6.10
CA SER A 38 10.98 23.40 -6.15
C SER A 38 10.46 22.59 -4.98
N ASP A 39 9.18 22.72 -4.67
CA ASP A 39 8.55 21.94 -3.62
C ASP A 39 7.45 21.10 -4.24
N PRO A 40 7.86 20.02 -4.93
CA PRO A 40 6.89 19.34 -5.79
C PRO A 40 5.96 18.41 -5.06
N TYR A 41 4.71 18.43 -5.50
CA TYR A 41 3.72 17.44 -5.11
C TYR A 41 3.03 17.01 -6.41
N VAL A 42 2.39 15.85 -6.41
CA VAL A 42 1.74 15.36 -7.62
C VAL A 42 0.24 15.30 -7.42
N VAL A 43 -0.49 15.74 -8.44
CA VAL A 43 -1.94 15.61 -8.41
C VAL A 43 -2.39 14.60 -9.46
N VAL A 44 -3.16 13.62 -9.02
CA VAL A 44 -3.71 12.61 -9.89
C VAL A 44 -5.21 12.84 -10.04
N LYS A 45 -5.70 12.81 -11.29
CA LYS A 45 -7.13 13.01 -11.61
C LYS A 45 -7.69 11.90 -12.52
N MET A 46 -8.80 11.30 -12.09
CA MET A 46 -9.51 10.31 -12.91
C MET A 46 -11.00 10.39 -12.62
N GLY A 47 -11.77 10.87 -13.60
CA GLY A 47 -13.20 11.04 -13.41
C GLY A 47 -13.40 12.20 -12.46
N LYS A 48 -14.20 12.00 -11.42
CA LYS A 48 -14.43 13.00 -10.38
C LYS A 48 -13.36 12.93 -9.29
N GLN A 49 -12.48 11.93 -9.38
CA GLN A 49 -11.49 11.68 -8.34
C GLN A 49 -10.23 12.49 -8.49
N LYS A 50 -9.72 12.96 -7.36
CA LYS A 50 -8.57 13.87 -7.29
C LYS A 50 -7.69 13.58 -6.08
N LEU A 51 -6.52 13.00 -6.33
CA LEU A 51 -5.58 12.62 -5.27
C LEU A 51 -4.27 13.37 -5.35
N LYS A 52 -3.65 13.64 -4.21
CA LYS A 52 -2.40 14.40 -4.17
C LYS A 52 -1.36 13.79 -3.25
N THR A 53 -0.10 13.80 -3.69
CA THR A 53 0.98 13.36 -2.82
C THR A 53 1.27 14.46 -1.84
N ARG A 54 2.13 14.16 -0.89
CA ARG A 54 2.60 15.17 0.01
C ARG A 54 3.56 16.08 -0.76
N VAL A 55 3.79 17.28 -0.23
CA VAL A 55 4.86 18.11 -0.73
C VAL A 55 6.19 17.59 -0.22
N ILE A 56 7.17 17.48 -1.09
CA ILE A 56 8.55 17.28 -0.66
C ILE A 56 9.31 18.60 -0.83
N ASN A 57 10.01 19.04 0.20
CA ASN A 57 10.59 20.37 0.21
C ASN A 57 11.95 20.48 -0.49
N LYS A 58 12.06 21.47 -1.37
CA LYS A 58 13.33 21.83 -2.01
C LYS A 58 14.10 20.63 -2.57
N ASP A 59 13.53 19.95 -3.56
CA ASP A 59 14.16 18.77 -4.14
C ASP A 59 13.54 18.47 -5.51
N VAL A 60 14.34 18.59 -6.57
CA VAL A 60 13.81 18.33 -7.91
C VAL A 60 14.01 16.89 -8.30
N ASN A 61 14.48 16.08 -7.34
CA ASN A 61 14.54 14.63 -7.49
C ASN A 61 13.84 13.98 -6.33
N PRO A 62 12.56 14.32 -6.14
CA PRO A 62 11.87 13.95 -4.91
C PRO A 62 11.56 12.47 -4.87
N GLU A 63 11.79 11.84 -3.72
CA GLU A 63 11.42 10.43 -3.56
C GLU A 63 10.13 10.30 -2.77
N TRP A 64 8.98 10.37 -3.45
CA TRP A 64 7.72 10.35 -2.75
C TRP A 64 7.46 8.97 -2.14
N ASN A 65 7.65 7.93 -2.95
CA ASN A 65 7.23 6.57 -2.61
C ASN A 65 5.88 6.57 -1.92
N GLU A 66 4.91 7.23 -2.54
CA GLU A 66 3.61 7.41 -1.91
C GLU A 66 2.51 6.76 -2.72
N ASP A 67 1.62 6.04 -2.03
CA ASP A 67 0.51 5.38 -2.69
C ASP A 67 -0.73 6.25 -2.74
N LEU A 68 -1.25 6.42 -3.95
CA LEU A 68 -2.55 7.03 -4.22
C LEU A 68 -3.52 5.92 -4.60
N THR A 69 -4.75 5.97 -4.11
CA THR A 69 -5.68 4.86 -4.36
C THR A 69 -6.96 5.38 -4.99
N LEU A 70 -7.25 4.87 -6.18
CA LEU A 70 -8.45 5.25 -6.93
C LEU A 70 -9.43 4.08 -7.03
N SER A 71 -10.72 4.37 -7.13
CA SER A 71 -11.68 3.32 -7.48
C SER A 71 -11.86 3.26 -8.99
N VAL A 72 -11.89 2.05 -9.52
CA VAL A 72 -12.06 1.80 -10.94
C VAL A 72 -13.50 1.37 -11.26
N THR A 73 -14.16 2.10 -12.15
CA THR A 73 -15.46 1.69 -12.65
C THR A 73 -15.37 1.46 -14.16
N ASP A 74 -14.40 2.12 -14.76
CA ASP A 74 -14.11 2.01 -16.19
C ASP A 74 -12.80 1.29 -16.41
N SER A 75 -12.81 0.23 -17.19
CA SER A 75 -11.54 -0.38 -17.55
C SER A 75 -10.80 0.50 -18.53
N ASN A 76 -11.52 1.47 -19.12
CA ASN A 76 -10.96 2.26 -20.22
C ASN A 76 -10.79 3.76 -19.90
N LEU A 77 -10.33 4.06 -18.70
CA LEU A 77 -10.16 5.45 -18.26
C LEU A 77 -8.73 5.96 -18.41
N THR A 78 -8.61 7.28 -18.45
CA THR A 78 -7.32 7.96 -18.44
C THR A 78 -7.01 8.44 -17.04
N VAL A 79 -5.75 8.31 -16.64
CA VAL A 79 -5.27 8.93 -15.40
C VAL A 79 -4.45 10.15 -15.80
N LEU A 80 -4.90 11.34 -15.41
CA LEU A 80 -4.11 12.54 -15.61
C LEU A 80 -3.26 12.79 -14.39
N LEU A 81 -1.98 13.07 -14.62
CA LEU A 81 -1.02 13.28 -13.55
C LEU A 81 -0.34 14.62 -13.75
N THR A 82 -0.37 15.47 -12.73
CA THR A 82 0.21 16.79 -12.88
C THR A 82 1.10 17.14 -11.69
N VAL A 83 2.22 17.79 -11.98
CA VAL A 83 3.15 18.14 -10.92
C VAL A 83 3.13 19.64 -10.68
N TYR A 84 3.05 20.03 -9.41
CA TYR A 84 3.07 21.43 -9.02
C TYR A 84 4.18 21.74 -8.01
N ASP A 85 4.70 22.96 -8.08
CA ASP A 85 5.60 23.49 -7.04
C ASP A 85 4.83 24.25 -5.96
N HIS A 86 4.77 23.65 -4.79
CA HIS A 86 4.09 24.24 -3.66
C HIS A 86 4.74 25.56 -3.25
N ASP A 87 3.99 26.64 -3.31
CA ASP A 87 4.40 27.91 -2.69
C ASP A 87 3.38 28.24 -1.61
N MET A 88 3.79 28.09 -0.34
CA MET A 88 2.88 28.21 0.79
C MET A 88 2.05 29.48 0.71
N PHE A 89 2.70 30.62 0.53
CA PHE A 89 1.94 31.86 0.65
C PHE A 89 1.64 32.53 -0.69
N SER A 90 1.74 31.77 -1.76
CA SER A 90 1.42 32.35 -3.07
C SER A 90 0.83 31.30 -4.01
N LYS A 91 0.99 31.51 -5.31
CA LYS A 91 0.43 30.58 -6.27
C LYS A 91 1.41 29.44 -6.53
N ASP A 92 0.87 28.23 -6.71
CA ASP A 92 1.67 27.06 -7.05
C ASP A 92 1.91 27.03 -8.57
N ASP A 93 3.16 26.89 -8.99
CA ASP A 93 3.47 26.86 -10.41
C ASP A 93 3.39 25.47 -11.04
N LYS A 94 2.89 25.40 -12.27
CA LYS A 94 2.85 24.14 -13.02
C LYS A 94 4.24 23.57 -13.29
N MET A 95 4.41 22.25 -13.15
CA MET A 95 5.70 21.61 -13.39
C MET A 95 5.59 20.49 -14.44
N GLY A 96 4.50 20.53 -15.20
CA GLY A 96 4.29 19.56 -16.25
C GLY A 96 3.24 18.53 -15.89
N ASP A 97 2.90 17.72 -16.89
CA ASP A 97 1.81 16.77 -16.72
C ASP A 97 1.95 15.60 -17.69
N ALA A 98 1.29 14.51 -17.38
CA ALA A 98 1.24 13.37 -18.27
C ALA A 98 -0.06 12.65 -18.06
N GLU A 99 -0.37 11.75 -18.98
CA GLU A 99 -1.52 10.89 -18.78
C GLU A 99 -1.14 9.50 -19.24
N PHE A 100 -1.84 8.49 -18.73
CA PHE A 100 -1.59 7.13 -19.16
C PHE A 100 -2.85 6.30 -19.13
N GLU A 101 -2.88 5.29 -19.99
CA GLU A 101 -4.04 4.41 -20.10
C GLU A 101 -3.97 3.31 -19.05
N ILE A 102 -5.12 2.98 -18.47
CA ILE A 102 -5.16 1.87 -17.51
C ILE A 102 -5.72 0.60 -18.13
N SER A 103 -6.33 0.73 -19.31
CA SER A 103 -6.95 -0.40 -20.00
C SER A 103 -5.99 -1.57 -20.24
N PRO A 104 -4.79 -1.30 -20.77
CA PRO A 104 -3.83 -2.41 -20.89
C PRO A 104 -3.62 -3.18 -19.59
N TYR A 105 -3.64 -2.49 -18.46
CA TYR A 105 -3.34 -3.11 -17.18
C TYR A 105 -4.57 -3.87 -16.66
N ILE A 106 -5.75 -3.36 -16.95
CA ILE A 106 -6.98 -4.03 -16.53
C ILE A 106 -7.24 -5.28 -17.37
N GLU A 107 -7.04 -5.17 -18.69
CA GLU A 107 -7.13 -6.32 -19.59
C GLU A 107 -6.22 -7.44 -19.10
N ALA A 108 -5.05 -7.05 -18.62
CA ALA A 108 -4.04 -8.02 -18.19
C ALA A 108 -4.42 -8.64 -16.87
N LEU A 109 -5.27 -7.93 -16.14
CA LEU A 109 -5.69 -8.36 -14.82
C LEU A 109 -6.71 -9.49 -14.88
N ARG A 110 -7.35 -9.63 -16.03
CA ARG A 110 -8.28 -10.72 -16.27
C ARG A 110 -7.64 -11.71 -17.24
N MET A 111 -6.67 -12.48 -16.78
CA MET A 111 -5.85 -13.20 -17.72
C MET A 111 -5.33 -14.54 -17.23
N GLN A 112 -5.75 -14.95 -16.04
CA GLN A 112 -5.36 -16.27 -15.52
C GLN A 112 -3.86 -16.42 -15.53
N LEU A 113 -3.21 -15.81 -14.55
CA LEU A 113 -1.76 -15.73 -14.56
C LEU A 113 -1.12 -16.67 -13.56
N ASP A 114 -1.86 -17.70 -13.17
CA ASP A 114 -1.28 -18.74 -12.34
C ASP A 114 -0.31 -19.58 -13.15
N GLY A 115 0.71 -20.12 -12.48
CA GLY A 115 1.67 -20.98 -13.13
C GLY A 115 2.86 -20.23 -13.69
N LEU A 116 2.60 -19.10 -14.34
CA LEU A 116 3.65 -18.26 -14.88
C LEU A 116 4.61 -17.87 -13.77
N PRO A 117 5.93 -18.01 -14.01
CA PRO A 117 6.94 -17.72 -13.00
C PRO A 117 6.95 -16.25 -12.57
N SER A 118 7.72 -15.93 -11.53
CA SER A 118 8.01 -14.53 -11.21
C SER A 118 8.78 -13.93 -12.37
N GLY A 119 8.38 -12.73 -12.80
CA GLY A 119 9.11 -12.02 -13.85
C GLY A 119 8.58 -12.28 -15.24
N THR A 120 7.37 -12.80 -15.34
CA THR A 120 6.79 -13.06 -16.64
C THR A 120 6.22 -11.78 -17.22
N ILE A 121 6.76 -11.35 -18.36
CA ILE A 121 6.30 -10.14 -19.00
C ILE A 121 5.10 -10.45 -19.88
N VAL A 122 3.98 -9.83 -19.55
CA VAL A 122 2.68 -10.20 -20.05
C VAL A 122 2.12 -9.21 -21.07
N THR A 123 2.48 -7.93 -20.92
CA THR A 123 2.09 -6.92 -21.90
C THR A 123 3.19 -5.82 -21.95
N THR A 124 3.37 -5.22 -23.12
CA THR A 124 4.36 -4.18 -23.29
C THR A 124 3.66 -3.03 -24.00
N VAL A 125 3.68 -1.87 -23.35
CA VAL A 125 3.17 -0.66 -23.98
C VAL A 125 4.38 0.17 -24.42
N LYS A 126 4.31 0.67 -25.64
CA LYS A 126 5.47 1.33 -26.21
C LYS A 126 5.31 2.85 -26.26
N PRO A 127 6.43 3.57 -26.17
CA PRO A 127 6.40 5.03 -26.31
C PRO A 127 5.86 5.39 -27.69
N SER A 128 4.86 6.27 -27.72
CA SER A 128 4.32 6.77 -28.96
C SER A 128 4.34 8.28 -28.93
N ARG A 129 4.14 8.90 -30.09
CA ARG A 129 3.97 10.34 -30.16
C ARG A 129 2.87 10.80 -29.22
N ARG A 130 1.85 9.96 -29.09
CA ARG A 130 0.63 10.34 -28.39
C ARG A 130 0.58 9.91 -26.91
N ASN A 131 1.48 9.06 -26.45
CA ASN A 131 1.47 8.73 -25.03
C ASN A 131 2.65 9.40 -24.36
N CYS A 132 2.79 9.22 -23.04
CA CYS A 132 3.79 9.96 -22.31
C CYS A 132 4.87 9.05 -21.73
N LEU A 133 4.93 7.83 -22.23
CA LEU A 133 6.00 6.92 -21.85
C LEU A 133 7.38 7.38 -22.33
N ALA A 134 8.35 7.39 -21.42
CA ALA A 134 9.73 7.69 -21.79
C ALA A 134 10.42 6.41 -22.20
N GLU A 135 9.86 5.30 -21.74
CA GLU A 135 10.34 3.95 -22.00
C GLU A 135 9.16 3.12 -22.40
N GLU A 136 9.40 1.90 -22.87
CA GLU A 136 8.27 1.01 -23.03
C GLU A 136 7.88 0.48 -21.66
N SER A 137 6.59 0.24 -21.47
CA SER A 137 6.06 -0.05 -20.13
C SER A 137 5.67 -1.53 -19.95
N ARG A 138 6.24 -2.15 -18.92
CA ARG A 138 6.09 -3.59 -18.72
C ARG A 138 5.05 -3.98 -17.68
N VAL A 139 3.95 -4.55 -18.17
CA VAL A 139 3.02 -5.24 -17.29
C VAL A 139 3.63 -6.59 -16.95
N THR A 140 4.26 -6.67 -15.78
CA THR A 140 4.98 -7.87 -15.36
C THR A 140 4.24 -8.64 -14.27
N TRP A 141 4.12 -9.96 -14.44
CA TRP A 141 3.58 -10.85 -13.40
C TRP A 141 4.68 -11.28 -12.43
N VAL A 142 4.58 -10.82 -11.19
CA VAL A 142 5.62 -11.07 -10.21
C VAL A 142 5.07 -11.29 -8.79
N ASP A 143 5.62 -12.30 -8.12
CA ASP A 143 5.28 -12.65 -6.74
C ASP A 143 3.77 -12.77 -6.53
N GLY A 144 3.11 -13.37 -7.49
CA GLY A 144 1.68 -13.62 -7.41
C GLY A 144 0.83 -12.42 -7.71
N LYS A 145 1.46 -11.30 -8.07
CA LYS A 145 0.73 -10.07 -8.33
C LYS A 145 1.10 -9.42 -9.67
N LEU A 146 0.13 -8.72 -10.24
CA LEU A 146 0.27 -8.09 -11.56
C LEU A 146 0.58 -6.61 -11.44
N VAL A 147 1.79 -6.24 -11.84
CA VAL A 147 2.34 -4.92 -11.61
C VAL A 147 2.76 -4.26 -12.94
N GLN A 148 2.52 -2.96 -13.09
CA GLN A 148 2.99 -2.26 -14.28
C GLN A 148 3.91 -1.09 -13.95
N ASP A 149 5.09 -1.08 -14.57
CA ASP A 149 6.07 -0.04 -14.31
C ASP A 149 6.03 1.06 -15.37
N LEU A 150 6.08 2.31 -14.91
CA LEU A 150 5.85 3.46 -15.77
C LEU A 150 6.90 4.52 -15.53
N VAL A 151 7.55 4.95 -16.61
CA VAL A 151 8.33 6.18 -16.54
C VAL A 151 7.65 7.18 -17.44
N LEU A 152 7.06 8.19 -16.83
CA LEU A 152 6.28 9.16 -17.59
C LEU A 152 7.12 10.39 -17.81
N ARG A 153 7.29 10.76 -19.07
CA ARG A 153 7.94 12.01 -19.43
C ARG A 153 6.89 13.12 -19.40
N LEU A 154 7.13 14.13 -18.55
CA LEU A 154 6.15 15.18 -18.38
C LEU A 154 6.05 16.06 -19.62
N ARG A 155 4.82 16.46 -19.95
CA ARG A 155 4.53 17.38 -21.04
C ARG A 155 4.54 18.82 -20.54
N HIS A 156 4.73 19.77 -21.45
CA HIS A 156 4.47 21.18 -21.16
C HIS A 156 5.40 21.74 -20.10
N VAL A 157 6.64 21.30 -20.13
CA VAL A 157 7.61 21.71 -19.15
C VAL A 157 8.98 21.41 -19.76
N GLU A 158 10.01 22.13 -19.33
CA GLU A 158 11.30 22.06 -19.99
C GLU A 158 12.15 20.86 -19.58
N CYS A 159 11.77 20.18 -18.51
CA CYS A 159 12.45 18.96 -18.07
C CYS A 159 11.63 18.21 -17.06
N GLY A 160 11.90 16.92 -16.90
CA GLY A 160 11.33 16.16 -15.82
C GLY A 160 10.59 14.90 -16.22
N GLU A 161 10.62 13.91 -15.34
CA GLU A 161 9.81 12.73 -15.51
C GLU A 161 9.41 12.19 -14.16
N VAL A 162 8.38 11.35 -14.13
CA VAL A 162 7.90 10.76 -12.89
C VAL A 162 7.80 9.25 -13.06
N GLU A 163 8.34 8.52 -12.10
CA GLU A 163 8.30 7.06 -12.10
C GLU A 163 7.16 6.56 -11.20
N ALA A 164 6.31 5.71 -11.76
CA ALA A 164 5.18 5.17 -11.03
C ALA A 164 5.05 3.68 -11.28
N GLN A 165 4.34 3.01 -10.38
CA GLN A 165 4.00 1.60 -10.54
C GLN A 165 2.52 1.43 -10.20
N LEU A 166 1.78 0.83 -11.11
CA LEU A 166 0.40 0.49 -10.85
C LEU A 166 0.35 -0.87 -10.17
N GLN A 167 -0.48 -0.97 -9.14
CA GLN A 167 -0.77 -2.25 -8.52
C GLN A 167 -2.27 -2.34 -8.33
N TRP A 168 -2.77 -3.51 -7.99
CA TRP A 168 -4.22 -3.72 -7.90
C TRP A 168 -4.67 -4.28 -6.56
N ILE A 169 -5.69 -3.66 -5.99
CA ILE A 169 -6.29 -4.13 -4.74
C ILE A 169 -7.74 -4.51 -4.95
N ASP A 170 -8.08 -5.76 -4.63
CA ASP A 170 -9.44 -6.24 -4.77
C ASP A 170 -10.29 -5.82 -3.59
N LEU A 171 -11.53 -5.41 -3.86
CA LEU A 171 -12.44 -4.95 -2.83
C LEU A 171 -13.61 -5.92 -2.67
N PRO A 172 -13.66 -6.65 -1.54
CA PRO A 172 -14.75 -7.59 -1.26
C PRO A 172 -16.10 -6.90 -1.14
N GLY A 173 -17.03 -7.26 -2.03
CA GLY A 173 -18.34 -6.62 -2.08
C GLY A 173 -18.63 -6.09 -3.47
N SER A 174 -17.70 -5.27 -3.97
CA SER A 174 -17.73 -4.67 -5.30
C SER A 174 -18.06 -5.64 -6.45
N LYS A 175 -18.44 -5.04 -7.59
CA LYS A 175 -18.77 -5.76 -8.83
C LYS A 175 -17.66 -6.70 -9.34
N GLY A 176 -16.43 -6.47 -8.90
CA GLY A 176 -15.31 -7.30 -9.29
C GLY A 176 -14.77 -7.03 -10.68
N LEU A 177 -13.71 -7.75 -11.05
CA LEU A 177 -13.10 -7.63 -12.37
C LEU A 177 -13.95 -8.27 -13.46
N MET B 13 -21.69 -0.08 -0.02
CA MET B 13 -20.71 0.20 1.04
C MET B 13 -19.91 1.51 0.78
N ASP B 14 -20.37 2.72 1.13
CA ASP B 14 -21.53 3.11 1.97
C ASP B 14 -21.35 2.83 3.47
N ASP B 15 -20.76 1.69 3.83
CA ASP B 15 -20.54 1.36 5.22
C ASP B 15 -19.07 1.50 5.58
N LEU B 16 -18.28 1.79 4.56
CA LEU B 16 -16.84 1.65 4.67
C LEU B 16 -16.19 2.86 5.31
N LEU B 17 -15.41 2.60 6.35
CA LEU B 17 -14.65 3.66 6.99
C LEU B 17 -13.36 3.86 6.22
N GLY B 18 -12.87 2.77 5.61
CA GLY B 18 -11.63 2.78 4.87
C GLY B 18 -10.98 1.42 4.91
N LEU B 19 -9.73 1.33 4.45
CA LEU B 19 -9.01 0.07 4.45
C LEU B 19 -7.79 0.12 5.36
N LEU B 20 -7.71 -0.85 6.25
CA LEU B 20 -6.53 -1.06 7.06
C LEU B 20 -5.50 -1.86 6.26
N ARG B 21 -4.37 -1.23 5.97
CA ARG B 21 -3.24 -1.90 5.34
C ARG B 21 -2.38 -2.47 6.45
N ILE B 22 -2.39 -3.79 6.59
CA ILE B 22 -1.55 -4.44 7.58
C ILE B 22 -0.29 -4.95 6.90
N ARG B 23 0.84 -4.30 7.17
CA ARG B 23 2.09 -4.76 6.61
C ARG B 23 2.75 -5.78 7.52
N ILE B 24 2.69 -7.04 7.10
CA ILE B 24 3.38 -8.12 7.78
C ILE B 24 4.83 -8.05 7.38
N LYS B 25 5.68 -7.66 8.31
CA LYS B 25 7.11 -7.48 8.02
C LYS B 25 7.86 -8.80 8.14
N ARG B 26 7.90 -9.35 9.34
CA ARG B 26 8.70 -10.53 9.58
C ARG B 26 8.30 -11.28 10.85
N GLY B 27 8.81 -12.52 10.94
CA GLY B 27 8.64 -13.32 12.12
C GLY B 27 10.00 -13.49 12.77
N VAL B 28 10.01 -13.57 14.09
CA VAL B 28 11.26 -13.70 14.85
C VAL B 28 11.19 -14.91 15.78
N ASN B 29 12.17 -15.79 15.67
CA ASN B 29 12.23 -17.00 16.48
C ASN B 29 10.91 -17.73 16.58
N LEU B 30 10.30 -17.99 15.43
CA LEU B 30 9.06 -18.76 15.40
C LEU B 30 9.30 -20.24 15.70
N ALA B 31 8.26 -20.92 16.16
CA ALA B 31 8.42 -22.29 16.60
C ALA B 31 8.63 -23.28 15.45
N VAL B 32 9.33 -24.38 15.76
CA VAL B 32 9.71 -25.41 14.81
C VAL B 32 8.60 -26.44 14.68
N ARG B 33 8.16 -26.75 13.46
CA ARG B 33 7.05 -27.69 13.31
C ARG B 33 7.27 -28.72 12.19
N ASP B 34 8.48 -28.73 11.62
CA ASP B 34 8.94 -29.79 10.72
C ASP B 34 10.28 -30.36 11.20
N ILE B 35 10.28 -31.13 12.27
CA ILE B 35 11.54 -31.69 12.78
C ILE B 35 12.56 -30.58 13.17
N SER B 36 13.06 -29.85 12.16
CA SER B 36 14.14 -28.86 12.34
C SER B 36 13.85 -27.42 11.85
N SER B 37 12.65 -27.15 11.37
CA SER B 37 12.32 -25.80 10.90
C SER B 37 10.84 -25.69 10.66
N SER B 38 10.43 -24.67 9.89
CA SER B 38 9.03 -24.47 9.56
C SER B 38 8.86 -23.71 8.25
N ASP B 39 7.66 -23.79 7.67
CA ASP B 39 7.31 -23.01 6.49
C ASP B 39 6.13 -22.10 6.81
N PRO B 40 6.40 -20.97 7.48
CA PRO B 40 5.31 -20.20 8.06
C PRO B 40 4.67 -19.21 7.13
N TYR B 41 3.37 -19.04 7.32
CA TYR B 41 2.63 -17.97 6.68
C TYR B 41 1.72 -17.36 7.75
N VAL B 42 1.36 -16.10 7.58
CA VAL B 42 0.51 -15.39 8.56
C VAL B 42 -0.92 -15.34 8.03
N VAL B 43 -1.89 -15.63 8.89
CA VAL B 43 -3.28 -15.45 8.53
C VAL B 43 -3.93 -14.42 9.44
N VAL B 44 -4.76 -13.57 8.84
CA VAL B 44 -5.32 -12.44 9.53
C VAL B 44 -6.84 -12.46 9.37
N LYS B 45 -7.56 -12.03 10.40
CA LYS B 45 -9.01 -12.04 10.33
C LYS B 45 -9.65 -10.89 11.09
N MET B 46 -10.50 -10.16 10.37
CA MET B 46 -11.33 -9.14 11.00
C MET B 46 -12.74 -9.31 10.47
N GLY B 47 -13.69 -9.55 11.37
CA GLY B 47 -15.05 -9.89 10.97
C GLY B 47 -15.08 -11.18 10.19
N SER B 48 -15.70 -11.17 9.01
CA SER B 48 -15.72 -12.33 8.16
C SER B 48 -14.56 -12.31 7.17
N GLN B 49 -13.80 -11.22 7.14
CA GLN B 49 -12.67 -11.14 6.24
C GLN B 49 -11.46 -11.91 6.75
N LYS B 50 -10.87 -12.71 5.88
CA LYS B 50 -9.71 -13.53 6.22
C LYS B 50 -8.65 -13.33 5.15
N LEU B 51 -7.41 -13.08 5.53
CA LEU B 51 -6.34 -13.00 4.54
C LEU B 51 -5.07 -13.69 5.03
N LYS B 52 -4.23 -14.11 4.10
CA LYS B 52 -2.95 -14.71 4.48
C LYS B 52 -1.81 -14.24 3.59
N THR B 53 -0.61 -14.20 4.15
CA THR B 53 0.60 -13.92 3.40
C THR B 53 1.00 -15.15 2.64
N ARG B 54 2.03 -15.04 1.80
CA ARG B 54 2.55 -16.22 1.13
C ARG B 54 3.42 -17.04 2.09
N VAL B 55 3.79 -18.25 1.67
CA VAL B 55 4.60 -19.17 2.48
C VAL B 55 6.09 -18.96 2.26
N ILE B 56 6.86 -18.89 3.36
CA ILE B 56 8.32 -18.88 3.28
C ILE B 56 8.86 -20.23 3.71
N ASN B 57 9.75 -20.81 2.90
CA ASN B 57 10.23 -22.16 3.18
C ASN B 57 11.36 -22.21 4.19
N LYS B 58 11.23 -23.13 5.15
CA LYS B 58 12.34 -23.55 6.01
C LYS B 58 13.03 -22.34 6.66
N ASP B 59 12.24 -21.58 7.40
CA ASP B 59 12.72 -20.34 7.96
C ASP B 59 11.88 -19.92 9.15
N VAL B 60 12.47 -19.93 10.35
CA VAL B 60 11.76 -19.53 11.54
C VAL B 60 12.00 -18.06 11.85
N ASN B 61 12.66 -17.36 10.93
CA ASN B 61 12.75 -15.90 10.99
C ASN B 61 12.37 -15.23 9.66
N PRO B 62 11.16 -15.54 9.14
CA PRO B 62 10.80 -15.14 7.78
C PRO B 62 10.62 -13.65 7.62
N GLU B 63 11.13 -13.12 6.52
CA GLU B 63 10.83 -11.77 6.10
C GLU B 63 9.69 -11.79 5.09
N TRP B 64 8.48 -11.48 5.53
CA TRP B 64 7.37 -11.55 4.61
C TRP B 64 7.29 -10.29 3.78
N ASN B 65 7.42 -9.15 4.44
CA ASN B 65 7.16 -7.85 3.86
C ASN B 65 6.00 -7.86 2.88
N GLU B 66 4.80 -8.10 3.41
CA GLU B 66 3.61 -8.30 2.61
C GLU B 66 2.45 -7.54 3.21
N ASP B 67 1.64 -6.90 2.37
CA ASP B 67 0.46 -6.17 2.83
C ASP B 67 -0.81 -7.03 2.81
N LEU B 68 -1.59 -6.93 3.88
CA LEU B 68 -2.94 -7.48 3.89
C LEU B 68 -3.92 -6.35 4.15
N THR B 69 -4.77 -6.12 3.16
CA THR B 69 -5.65 -4.98 3.16
C THR B 69 -7.07 -5.39 3.51
N LEU B 70 -7.54 -4.92 4.67
CA LEU B 70 -8.87 -5.29 5.16
C LEU B 70 -9.85 -4.13 5.06
N SER B 71 -11.13 -4.45 4.99
CA SER B 71 -12.18 -3.42 4.99
C SER B 71 -12.64 -3.12 6.41
N VAL B 72 -12.62 -1.85 6.77
CA VAL B 72 -13.05 -1.47 8.10
C VAL B 72 -14.43 -0.83 8.04
N THR B 73 -15.38 -1.44 8.73
CA THR B 73 -16.71 -0.83 8.87
C THR B 73 -16.94 -0.49 10.31
N ASP B 74 -16.20 -1.17 11.16
CA ASP B 74 -16.37 -1.07 12.59
C ASP B 74 -15.09 -0.59 13.23
N SER B 75 -15.13 0.65 13.72
CA SER B 75 -14.03 1.24 14.44
C SER B 75 -13.55 0.30 15.55
N ASN B 76 -14.50 -0.30 16.26
CA ASN B 76 -14.20 -1.03 17.50
C ASN B 76 -13.90 -2.52 17.29
N LEU B 77 -13.55 -2.90 16.07
CA LEU B 77 -13.30 -4.30 15.78
C LEU B 77 -11.87 -4.70 16.14
N THR B 78 -11.64 -6.01 16.15
CA THR B 78 -10.36 -6.56 16.55
C THR B 78 -9.79 -7.36 15.40
N VAL B 79 -8.48 -7.29 15.21
CA VAL B 79 -7.81 -8.13 14.22
C VAL B 79 -7.27 -9.37 14.93
N LEU B 80 -7.64 -10.56 14.45
CA LEU B 80 -6.99 -11.80 14.89
C LEU B 80 -5.83 -12.13 13.95
N LEU B 81 -4.78 -12.76 14.48
CA LEU B 81 -3.62 -13.14 13.69
C LEU B 81 -3.12 -14.52 14.12
N THR B 82 -2.71 -15.32 13.14
CA THR B 82 -2.05 -16.60 13.42
C THR B 82 -0.97 -16.88 12.43
N VAL B 83 -0.01 -17.67 12.90
CA VAL B 83 1.02 -18.21 12.05
C VAL B 83 0.81 -19.71 11.97
N TYR B 84 0.92 -20.26 10.76
CA TYR B 84 0.88 -21.70 10.58
C TYR B 84 2.11 -22.14 9.81
N ASP B 85 2.52 -23.39 10.02
CA ASP B 85 3.61 -23.96 9.23
C ASP B 85 2.99 -24.78 8.10
N HIS B 86 3.25 -24.39 6.86
CA HIS B 86 2.71 -25.15 5.72
C HIS B 86 3.33 -26.54 5.59
N ASP B 87 2.47 -27.55 5.53
CA ASP B 87 2.90 -28.92 5.21
C ASP B 87 2.26 -29.34 3.88
N MET B 88 3.11 -29.72 2.94
CA MET B 88 2.67 -30.05 1.59
C MET B 88 1.73 -31.28 1.57
N PHE B 89 2.03 -32.30 2.36
CA PHE B 89 1.21 -33.51 2.37
C PHE B 89 0.65 -33.80 3.74
N SER B 90 0.16 -32.76 4.41
CA SER B 90 -0.44 -32.92 5.72
C SER B 90 -1.18 -31.66 6.16
N LYS B 91 -1.88 -31.76 7.28
CA LYS B 91 -2.50 -30.62 7.89
C LYS B 91 -1.39 -29.68 8.35
N ASP B 92 -1.57 -28.37 8.14
CA ASP B 92 -0.56 -27.40 8.53
C ASP B 92 -0.53 -27.28 10.05
N ASP B 93 0.66 -27.07 10.59
CA ASP B 93 0.85 -27.04 12.02
C ASP B 93 0.73 -25.62 12.59
N LYS B 94 0.24 -25.53 13.83
CA LYS B 94 0.08 -24.24 14.50
C LYS B 94 1.42 -23.64 14.93
N MET B 95 1.53 -22.32 14.79
CA MET B 95 2.74 -21.63 15.22
C MET B 95 2.41 -20.45 16.13
N GLY B 96 1.15 -20.33 16.53
CA GLY B 96 0.76 -19.33 17.51
C GLY B 96 -0.32 -18.38 17.05
N ASP B 97 -0.89 -17.63 18.00
CA ASP B 97 -1.92 -16.66 17.67
C ASP B 97 -1.80 -15.35 18.47
N ALA B 98 -2.32 -14.28 17.89
CA ALA B 98 -2.38 -13.00 18.59
C ALA B 98 -3.61 -12.23 18.15
N GLU B 99 -3.74 -11.03 18.68
CA GLU B 99 -4.81 -10.13 18.26
C GLU B 99 -4.46 -8.72 18.73
N PHE B 100 -5.08 -7.72 18.12
CA PHE B 100 -4.85 -6.33 18.54
C PHE B 100 -6.03 -5.41 18.22
N GLU B 101 -6.17 -4.35 19.00
CA GLU B 101 -7.25 -3.39 18.78
C GLU B 101 -6.84 -2.37 17.73
N ILE B 102 -7.78 -1.93 16.91
CA ILE B 102 -7.50 -0.86 15.95
C ILE B 102 -8.00 0.51 16.44
N LYS B 103 -8.82 0.50 17.49
CA LYS B 103 -9.44 1.74 18.00
C LYS B 103 -8.47 2.90 18.31
N PRO B 104 -7.35 2.64 19.00
CA PRO B 104 -6.47 3.78 19.27
C PRO B 104 -5.87 4.35 18.01
N TYR B 105 -5.61 3.48 17.04
CA TYR B 105 -5.09 3.91 15.74
C TYR B 105 -6.11 4.76 15.02
N ILE B 106 -7.32 4.25 14.90
CA ILE B 106 -8.39 4.96 14.21
C ILE B 106 -8.69 6.33 14.85
N GLU B 107 -8.76 6.38 16.18
CA GLU B 107 -9.04 7.65 16.84
C GLU B 107 -7.95 8.67 16.58
N ALA B 108 -6.71 8.22 16.52
CA ALA B 108 -5.62 9.14 16.27
C ALA B 108 -5.58 9.56 14.82
N LEU B 109 -6.09 8.72 13.93
CA LEU B 109 -6.15 9.07 12.51
C LEU B 109 -6.99 10.32 12.28
N ARG B 110 -7.85 10.62 13.25
CA ARG B 110 -8.75 11.75 13.13
C ARG B 110 -8.03 13.05 13.46
N MET B 111 -6.93 12.94 14.19
CA MET B 111 -6.20 14.12 14.65
C MET B 111 -5.73 14.99 13.49
N GLN B 112 -5.61 16.29 13.74
CA GLN B 112 -5.13 17.19 12.72
C GLN B 112 -3.67 17.43 12.99
N LEU B 113 -2.80 16.81 12.19
CA LEU B 113 -1.40 16.68 12.55
C LEU B 113 -0.44 17.34 11.56
N ASP B 114 -0.97 18.03 10.58
CA ASP B 114 -0.08 18.66 9.61
C ASP B 114 0.68 19.77 10.33
N GLY B 115 1.89 20.07 9.86
CA GLY B 115 2.75 21.00 10.57
C GLY B 115 3.67 20.31 11.57
N LEU B 116 3.20 19.22 12.16
CA LEU B 116 4.01 18.42 13.07
C LEU B 116 5.13 17.72 12.33
N PRO B 117 6.33 17.70 12.92
CA PRO B 117 7.52 17.13 12.26
C PRO B 117 7.38 15.62 12.04
N SER B 118 7.84 15.15 10.89
CA SER B 118 7.89 13.73 10.60
C SER B 118 8.59 13.05 11.76
N GLY B 119 8.00 11.98 12.28
CA GLY B 119 8.61 11.31 13.42
C GLY B 119 7.93 11.58 14.75
N THR B 120 6.95 12.49 14.75
CA THR B 120 6.22 12.77 15.97
C THR B 120 5.44 11.55 16.45
N ILE B 121 5.71 11.11 17.68
CA ILE B 121 4.93 10.03 18.27
C ILE B 121 3.66 10.62 18.88
N VAL B 122 2.52 10.04 18.52
CA VAL B 122 1.21 10.62 18.84
C VAL B 122 0.45 9.88 19.94
N THR B 123 0.47 8.55 19.91
CA THR B 123 0.02 7.73 21.04
C THR B 123 0.94 6.53 21.23
N THR B 124 0.80 5.92 22.39
CA THR B 124 1.62 4.79 22.78
C THR B 124 0.69 3.78 23.46
N VAL B 125 0.51 2.61 22.87
CA VAL B 125 -0.22 1.57 23.56
C VAL B 125 0.73 0.74 24.41
N LYS B 126 0.37 0.56 25.69
CA LYS B 126 1.21 -0.16 26.62
C LYS B 126 0.98 -1.67 26.48
N PRO B 127 2.02 -2.46 26.72
CA PRO B 127 1.83 -3.90 26.86
C PRO B 127 1.09 -4.16 28.16
N SER B 128 0.18 -5.13 28.15
CA SER B 128 -0.56 -5.48 29.35
C SER B 128 -0.70 -6.99 29.43
N ARG B 129 -1.24 -7.50 30.52
CA ARG B 129 -1.36 -8.94 30.70
C ARG B 129 -2.30 -9.49 29.67
N ARG B 130 -3.25 -8.67 29.28
CA ARG B 130 -4.35 -9.13 28.44
C ARG B 130 -4.15 -8.86 26.94
N ASN B 131 -3.29 -7.91 26.57
CA ASN B 131 -3.04 -7.69 25.14
C ASN B 131 -1.77 -8.42 24.70
N CYS B 132 -1.48 -8.42 23.40
CA CYS B 132 -0.38 -9.22 22.87
C CYS B 132 0.87 -8.45 22.48
N LEU B 133 1.05 -7.26 23.07
CA LEU B 133 2.21 -6.43 22.71
C LEU B 133 3.48 -6.91 23.40
N ALA B 134 4.52 -7.11 22.60
CA ALA B 134 5.83 -7.46 23.15
C ALA B 134 6.52 -6.20 23.67
N GLU B 135 6.11 -5.08 23.11
CA GLU B 135 6.71 -3.76 23.30
C GLU B 135 5.60 -2.76 23.34
N GLU B 136 5.83 -1.60 23.94
CA GLU B 136 4.83 -0.57 23.79
C GLU B 136 4.78 -0.25 22.30
N SER B 137 3.57 -0.04 21.78
CA SER B 137 3.40 0.20 20.35
C SER B 137 3.15 1.67 20.09
N ARG B 138 3.94 2.25 19.21
CA ARG B 138 3.77 3.67 18.99
C ARG B 138 3.07 3.95 17.68
N VAL B 139 2.26 5.00 17.74
CA VAL B 139 1.57 5.54 16.60
C VAL B 139 2.30 6.80 16.18
N THR B 140 2.87 6.77 14.99
CA THR B 140 3.75 7.85 14.59
C THR B 140 3.36 8.50 13.27
N TRP B 141 3.50 9.82 13.27
CA TRP B 141 3.28 10.68 12.12
C TRP B 141 4.59 10.78 11.35
N VAL B 142 4.65 10.04 10.24
CA VAL B 142 5.85 10.00 9.42
C VAL B 142 5.44 10.30 8.00
N ASP B 143 6.22 11.14 7.32
CA ASP B 143 5.99 11.45 5.91
C ASP B 143 4.54 11.76 5.56
N GLY B 144 3.84 12.48 6.43
CA GLY B 144 2.49 12.92 6.15
C GLY B 144 1.44 11.84 6.33
N LYS B 145 1.81 10.76 7.02
CA LYS B 145 0.91 9.64 7.26
C LYS B 145 0.98 9.20 8.71
N LEU B 146 -0.18 8.82 9.25
CA LEU B 146 -0.24 8.21 10.58
C LEU B 146 -0.05 6.69 10.47
N VAL B 147 0.83 6.15 11.30
CA VAL B 147 1.21 4.76 11.15
C VAL B 147 1.33 4.16 12.55
N GLN B 148 1.18 2.83 12.69
CA GLN B 148 1.36 2.20 14.00
C GLN B 148 2.19 0.94 13.87
N ASP B 149 3.30 0.88 14.60
CA ASP B 149 4.17 -0.30 14.58
C ASP B 149 3.87 -1.22 15.75
N LEU B 150 3.73 -2.51 15.44
CA LEU B 150 3.38 -3.53 16.40
C LEU B 150 4.40 -4.65 16.43
N VAL B 151 4.81 -5.06 17.62
CA VAL B 151 5.46 -6.35 17.77
C VAL B 151 4.51 -7.23 18.56
N LEU B 152 3.99 -8.27 17.93
CA LEU B 152 3.01 -9.12 18.58
C LEU B 152 3.64 -10.40 19.13
N ARG B 153 3.63 -10.56 20.45
CA ARG B 153 4.06 -11.84 21.03
C ARG B 153 3.00 -12.91 20.74
N LEU B 154 3.41 -14.01 20.15
CA LEU B 154 2.47 -15.09 19.82
C LEU B 154 1.99 -15.86 21.05
N ARG B 155 0.70 -16.16 21.11
CA ARG B 155 0.16 -16.95 22.20
C ARG B 155 0.08 -18.45 21.87
N HIS B 156 0.03 -19.26 22.92
CA HIS B 156 -0.23 -20.69 22.81
C HIS B 156 0.87 -21.41 22.03
N VAL B 157 2.07 -20.86 22.07
CA VAL B 157 3.22 -21.40 21.36
C VAL B 157 4.44 -21.16 22.25
N GLU B 158 5.54 -21.89 22.01
CA GLU B 158 6.67 -21.80 22.94
C GLU B 158 7.65 -20.69 22.59
N CYS B 159 7.48 -20.09 21.42
CA CYS B 159 8.31 -18.96 21.03
C CYS B 159 7.72 -18.25 19.81
N GLY B 160 8.22 -17.05 19.54
CA GLY B 160 7.89 -16.35 18.33
C GLY B 160 7.15 -15.05 18.54
N GLU B 161 7.49 -14.06 17.74
CA GLU B 161 6.67 -12.85 17.65
C GLU B 161 6.56 -12.41 16.19
N VAL B 162 5.51 -11.64 15.86
CA VAL B 162 5.35 -11.10 14.52
C VAL B 162 5.46 -9.57 14.53
N GLU B 163 6.28 -9.02 13.65
CA GLU B 163 6.39 -7.56 13.54
C GLU B 163 5.49 -7.05 12.43
N ALA B 164 4.70 -6.01 12.71
CA ALA B 164 3.76 -5.51 11.72
C ALA B 164 3.54 -4.02 11.82
N GLN B 165 3.10 -3.43 10.72
CA GLN B 165 2.79 -2.02 10.70
C GLN B 165 1.40 -1.76 10.13
N LEU B 166 0.65 -0.89 10.80
CA LEU B 166 -0.68 -0.49 10.35
C LEU B 166 -0.59 0.80 9.55
N GLN B 167 -1.18 0.78 8.34
CA GLN B 167 -1.37 1.98 7.55
C GLN B 167 -2.82 2.06 7.17
N TRP B 168 -3.31 3.27 6.90
CA TRP B 168 -4.71 3.46 6.57
C TRP B 168 -4.86 3.82 5.11
N ILE B 169 -5.93 3.34 4.48
CA ILE B 169 -6.24 3.78 3.12
C ILE B 169 -7.64 4.38 3.09
N ASP B 170 -7.73 5.62 2.61
CA ASP B 170 -9.01 6.31 2.50
C ASP B 170 -9.55 6.17 1.08
N LEU B 171 -10.83 5.85 0.94
CA LEU B 171 -11.37 5.65 -0.40
C LEU B 171 -12.29 6.77 -0.84
N PRO B 172 -12.08 7.25 -2.07
CA PRO B 172 -12.98 8.21 -2.73
C PRO B 172 -14.38 7.60 -2.81
N GLY B 173 -15.30 8.14 -2.03
CA GLY B 173 -16.53 7.46 -1.66
C GLY B 173 -16.47 7.35 -0.14
N SER B 174 -16.95 6.24 0.41
CA SER B 174 -16.74 5.89 1.83
C SER B 174 -17.38 6.82 2.89
N SER B 175 -17.72 6.26 4.04
CA SER B 175 -18.06 7.08 5.20
C SER B 175 -16.84 7.92 5.55
N GLY B 176 -15.68 7.29 5.51
CA GLY B 176 -14.45 7.93 5.94
C GLY B 176 -14.40 8.03 7.45
N LEU B 177 -13.40 8.70 7.98
CA LEU B 177 -13.32 8.91 9.41
C LEU B 177 -13.76 10.31 9.79
#